data_4XW5
#
_entry.id   4XW5
#
_cell.length_a   57.755
_cell.length_b   79.331
_cell.length_c   98.176
_cell.angle_alpha   90.00
_cell.angle_beta   90.00
_cell.angle_gamma   90.00
#
_symmetry.space_group_name_H-M   'P 21 21 21'
#
loop_
_entity.id
_entity.type
_entity.pdbx_description
1 polymer 'cAMP-dependent protein kinase catalytic subunit alpha'
2 polymer 'cAMP-dependent protein kinase inhibitor alpha'
3 non-polymer 'CALCIUM ION'
4 non-polymer "ADENOSINE-5'-TRIPHOSPHATE"
5 water water
#
loop_
_entity_poly.entity_id
_entity_poly.type
_entity_poly.pdbx_seq_one_letter_code
_entity_poly.pdbx_strand_id
1 'polypeptide(L)'
;HHHHHHGNAAAAKKGSEQESVKEFLAKAKEDFLKKWETPSQNTAQLDQFDRIKTLGTGSFGRVMLVKHKESGNHYAMKIL
DKQKVVKLKQIEHTLNEKRILQAVNFPFLVKLEFSFKDNSNLYMVMEYVAGGEMFSHLRRIGRF(SEP)EPHARFYAAQI
VLTFEYLHSLDLIYRDLKPENLLIDQQGYIQVTDFGFAKRVKGRTW(TPO)LCGTPEYLAPEIILSKGYNKAVDWWALGV
LIYEMAAGYPPFFADQPIQIYEKIVSGKVRFPSHFSSDLKDLLRNLLQVDLTKRFGNLKNGVNDIKNHKWFATTDWIAIY
QRKVEAPFIPKFKGPGDTSNFDDYEEEEIRV(SEP)INEKCGKEFTEF
;
A
2 'polypeptide(L)' TTYADFIASGRTGRRACIHD B
#
loop_
_chem_comp.id
_chem_comp.type
_chem_comp.name
_chem_comp.formula
ATP non-polymer ADENOSINE-5'-TRIPHOSPHATE 'C10 H16 N5 O13 P3'
CA non-polymer 'CALCIUM ION' 'Ca 2'
#
# COMPACT_ATOMS: atom_id res chain seq x y z
N SER A 20 10.10 19.54 14.86
CA SER A 20 10.30 20.03 13.51
C SER A 20 10.59 18.89 12.54
N VAL A 21 9.70 18.77 11.56
CA VAL A 21 9.77 17.77 10.50
C VAL A 21 11.19 17.61 9.96
N LYS A 22 11.79 18.71 9.52
CA LYS A 22 13.14 18.75 8.99
C LYS A 22 14.12 17.97 9.87
N GLU A 23 14.21 18.32 11.15
CA GLU A 23 15.10 17.56 12.02
C GLU A 23 14.61 16.13 12.12
N PHE A 24 13.29 15.94 12.18
CA PHE A 24 12.80 14.56 12.30
C PHE A 24 13.20 13.75 11.08
N LEU A 25 12.88 14.30 9.92
CA LEU A 25 13.16 13.62 8.67
C LEU A 25 14.64 13.36 8.45
N ALA A 26 15.50 14.23 8.99
CA ALA A 26 16.94 14.05 8.77
C ALA A 26 17.49 12.89 9.59
N LYS A 27 17.03 12.74 10.82
CA LYS A 27 17.49 11.58 11.59
C LYS A 27 16.81 10.31 11.08
N ALA A 28 15.60 10.45 10.54
CA ALA A 28 14.93 9.27 9.98
C ALA A 28 15.71 8.77 8.77
N LYS A 29 16.23 9.68 7.96
CA LYS A 29 17.06 9.27 6.82
C LYS A 29 18.36 8.62 7.26
N GLU A 30 18.96 9.17 8.32
CA GLU A 30 20.20 8.56 8.83
C GLU A 30 19.92 7.12 9.25
N ASP A 31 18.88 6.91 10.04
CA ASP A 31 18.47 5.56 10.39
C ASP A 31 18.26 4.65 9.19
N PHE A 32 17.49 5.14 8.21
CA PHE A 32 17.15 4.32 7.05
C PHE A 32 18.41 3.91 6.31
N LEU A 33 19.28 4.90 6.06
CA LEU A 33 20.43 4.61 5.21
C LEU A 33 21.31 3.53 5.83
N LYS A 34 21.40 3.51 7.15
CA LYS A 34 22.25 2.51 7.79
C LYS A 34 21.73 1.13 7.41
N LYS A 35 20.40 0.99 7.46
CA LYS A 35 19.85 -0.33 7.15
C LYS A 35 19.79 -0.56 5.66
N TRP A 36 19.60 0.52 4.88
CA TRP A 36 19.57 0.33 3.43
C TRP A 36 20.90 -0.21 2.96
N GLU A 37 21.95 0.31 3.60
CA GLU A 37 23.32 -0.01 3.21
C GLU A 37 23.77 -1.37 3.70
N THR A 38 23.31 -1.78 4.88
CA THR A 38 23.64 -3.09 5.41
C THR A 38 22.38 -3.82 5.83
N PRO A 39 21.66 -4.37 4.87
CA PRO A 39 20.36 -4.99 5.13
C PRO A 39 20.42 -6.22 6.05
N SER A 40 19.34 -6.36 6.82
CA SER A 40 19.05 -7.52 7.63
C SER A 40 18.88 -8.76 6.75
N GLN A 41 19.32 -9.92 7.19
CA GLN A 41 19.23 -11.14 6.38
C GLN A 41 19.04 -12.38 7.23
N ASN A 42 18.26 -13.35 6.80
CA ASN A 42 18.21 -14.66 7.46
C ASN A 42 17.91 -14.61 8.94
N THR A 43 16.85 -13.93 9.38
CA THR A 43 16.61 -13.72 10.79
C THR A 43 15.59 -14.70 11.34
N ALA A 44 15.20 -15.70 10.56
CA ALA A 44 14.39 -16.77 11.14
C ALA A 44 14.46 -17.96 10.18
N GLN A 45 13.64 -18.96 10.49
CA GLN A 45 13.56 -20.11 9.60
C GLN A 45 12.16 -20.71 9.69
N LEU A 46 11.79 -21.42 8.65
CA LEU A 46 10.42 -21.88 8.45
C LEU A 46 9.90 -22.71 9.61
N ASP A 47 10.76 -23.57 10.15
CA ASP A 47 10.22 -24.46 11.19
C ASP A 47 10.10 -23.73 12.53
N GLN A 48 10.37 -22.44 12.55
CA GLN A 48 10.13 -21.69 13.79
C GLN A 48 8.66 -21.32 13.94
N PHE A 49 7.85 -21.61 12.93
CA PHE A 49 6.46 -21.16 12.94
C PHE A 49 5.48 -22.28 12.59
N ASP A 50 4.29 -22.21 13.17
CA ASP A 50 3.17 -23.05 12.72
C ASP A 50 2.26 -22.21 11.82
N ARG A 51 2.02 -22.67 10.60
CA ARG A 51 1.16 -21.98 9.63
C ARG A 51 -0.30 -22.37 9.82
N ILE A 52 -1.12 -21.35 10.01
CA ILE A 52 -2.48 -21.61 10.43
C ILE A 52 -3.51 -21.43 9.34
N LYS A 53 -3.49 -20.30 8.64
CA LYS A 53 -4.56 -19.91 7.71
C LYS A 53 -4.08 -18.84 6.74
N THR A 54 -4.53 -18.91 5.49
CA THR A 54 -4.25 -17.94 4.46
C THR A 54 -5.12 -16.69 4.61
N LEU A 55 -4.48 -15.55 4.80
CA LEU A 55 -5.04 -14.24 5.03
C LEU A 55 -5.31 -13.50 3.73
N GLY A 56 -4.54 -13.88 2.71
CA GLY A 56 -4.74 -13.25 1.40
C GLY A 56 -3.82 -13.94 0.43
N THR A 57 -4.13 -13.83 -0.85
CA THR A 57 -3.26 -14.47 -1.84
C THR A 57 -2.71 -13.35 -2.72
N GLY A 58 -1.72 -13.72 -3.50
CA GLY A 58 -1.01 -12.79 -4.36
C GLY A 58 -0.46 -13.50 -5.59
N SER A 59 0.21 -12.72 -6.42
CA SER A 59 0.71 -13.08 -7.73
C SER A 59 1.69 -14.24 -7.71
N PHE A 60 2.56 -14.25 -6.70
CA PHE A 60 3.54 -15.32 -6.65
C PHE A 60 3.56 -15.92 -5.26
N GLY A 61 2.39 -16.05 -4.64
CA GLY A 61 2.42 -16.68 -3.34
C GLY A 61 1.16 -16.38 -2.55
N ARG A 62 1.32 -16.33 -1.23
CA ARG A 62 0.21 -16.10 -0.33
C ARG A 62 0.75 -15.55 0.99
N VAL A 63 -0.14 -14.90 1.73
CA VAL A 63 0.21 -14.46 3.07
C VAL A 63 -0.57 -15.29 4.08
N MET A 64 0.12 -15.85 5.07
CA MET A 64 -0.56 -16.71 6.03
C MET A 64 -0.44 -16.17 7.45
N LEU A 65 -1.52 -16.37 8.21
CA LEU A 65 -1.42 -16.17 9.65
C LEU A 65 -0.54 -17.32 10.13
N VAL A 66 0.44 -17.02 10.98
CA VAL A 66 1.28 -18.09 11.51
C VAL A 66 1.52 -17.88 12.99
N LYS A 67 1.83 -18.95 13.73
CA LYS A 67 2.19 -18.78 15.13
C LYS A 67 3.67 -19.12 15.30
N HIS A 68 4.41 -18.20 15.88
CA HIS A 68 5.83 -18.38 16.16
C HIS A 68 5.99 -19.19 17.44
N LYS A 69 6.59 -20.38 17.33
CA LYS A 69 6.59 -21.34 18.43
C LYS A 69 7.19 -20.84 19.73
N GLU A 70 8.40 -20.31 19.68
CA GLU A 70 9.10 -19.96 20.91
C GLU A 70 8.47 -18.80 21.65
N SER A 71 7.90 -17.85 20.91
CA SER A 71 7.27 -16.68 21.53
C SER A 71 5.78 -16.85 21.66
N GLY A 72 5.12 -17.57 20.73
CA GLY A 72 3.67 -17.66 20.91
C GLY A 72 2.96 -16.53 20.19
N ASN A 73 3.73 -15.61 19.62
CA ASN A 73 3.18 -14.48 18.87
C ASN A 73 2.62 -14.87 17.52
N HIS A 74 1.53 -14.22 17.13
CA HIS A 74 1.06 -14.36 15.76
C HIS A 74 1.72 -13.32 14.84
N TYR A 75 1.94 -13.71 13.61
CA TYR A 75 2.50 -12.95 12.52
C TYR A 75 1.79 -13.26 11.21
N ALA A 76 2.05 -12.40 10.22
CA ALA A 76 1.61 -12.65 8.85
C ALA A 76 2.82 -13.02 8.00
N MET A 77 2.84 -14.23 7.46
CA MET A 77 4.01 -14.71 6.71
C MET A 77 3.76 -14.60 5.21
N LYS A 78 4.45 -13.68 4.54
CA LYS A 78 4.29 -13.57 3.09
C LYS A 78 5.30 -14.49 2.43
N ILE A 79 4.76 -15.43 1.66
CA ILE A 79 5.52 -16.53 1.08
C ILE A 79 5.58 -16.31 -0.41
N LEU A 80 6.81 -16.17 -0.92
CA LEU A 80 6.93 -15.92 -2.36
C LEU A 80 7.67 -17.08 -3.02
N ASP A 81 6.98 -17.69 -3.97
CA ASP A 81 7.55 -18.72 -4.80
C ASP A 81 8.61 -18.11 -5.71
N LYS A 82 9.88 -18.43 -5.50
CA LYS A 82 10.92 -17.79 -6.31
C LYS A 82 10.66 -17.94 -7.80
N GLN A 83 10.26 -19.16 -8.17
CA GLN A 83 10.09 -19.48 -9.59
C GLN A 83 9.03 -18.61 -10.24
N LYS A 84 7.96 -18.37 -9.49
CA LYS A 84 6.87 -17.52 -9.97
C LYS A 84 7.33 -16.07 -10.03
N VAL A 85 8.11 -15.67 -9.03
CA VAL A 85 8.72 -14.34 -9.09
C VAL A 85 9.50 -14.19 -10.38
N VAL A 86 10.38 -15.15 -10.67
CA VAL A 86 11.14 -15.01 -11.91
C VAL A 86 10.21 -15.00 -13.12
N LYS A 87 9.25 -15.92 -13.15
CA LYS A 87 8.40 -16.01 -14.34
C LYS A 87 7.65 -14.71 -14.57
N LEU A 88 7.31 -13.97 -13.51
CA LEU A 88 6.62 -12.71 -13.76
C LEU A 88 7.61 -11.55 -13.82
N LYS A 89 8.89 -11.90 -13.99
CA LYS A 89 9.94 -10.91 -14.11
C LYS A 89 9.92 -9.92 -12.98
N GLN A 90 9.82 -10.40 -11.74
CA GLN A 90 9.73 -9.50 -10.60
C GLN A 90 10.91 -9.64 -9.66
N ILE A 91 12.06 -10.10 -10.14
CA ILE A 91 13.22 -10.24 -9.25
C ILE A 91 13.65 -8.93 -8.60
N GLU A 92 13.96 -7.91 -9.42
CA GLU A 92 14.50 -6.67 -8.83
C GLU A 92 13.47 -6.03 -7.91
N HIS A 93 12.21 -6.08 -8.36
CA HIS A 93 11.13 -5.51 -7.57
C HIS A 93 11.02 -6.22 -6.23
N THR A 94 11.25 -7.53 -6.20
CA THR A 94 11.14 -8.26 -4.94
C THR A 94 12.30 -7.93 -4.01
N LEU A 95 13.48 -7.82 -4.60
CA LEU A 95 14.65 -7.44 -3.79
C LEU A 95 14.44 -6.03 -3.24
N ASN A 96 13.84 -5.19 -4.08
CA ASN A 96 13.45 -3.83 -3.69
C ASN A 96 12.55 -3.87 -2.46
N GLU A 97 11.48 -4.66 -2.62
CA GLU A 97 10.47 -4.81 -1.61
C GLU A 97 11.09 -5.13 -0.26
N LYS A 98 11.91 -6.19 -0.26
CA LYS A 98 12.49 -6.60 1.01
C LYS A 98 13.55 -5.63 1.51
N ARG A 99 14.40 -5.14 0.59
CA ARG A 99 15.47 -4.26 1.08
C ARG A 99 14.89 -2.99 1.70
N ILE A 100 13.78 -2.53 1.14
CA ILE A 100 13.17 -1.30 1.64
C ILE A 100 12.39 -1.53 2.90
N LEU A 101 11.56 -2.59 2.93
CA LEU A 101 10.78 -2.79 4.15
C LEU A 101 11.62 -3.03 5.39
N GLN A 102 12.80 -3.63 5.27
CA GLN A 102 13.57 -3.88 6.50
C GLN A 102 14.24 -2.61 7.00
N ALA A 103 14.20 -1.55 6.19
CA ALA A 103 15.00 -0.37 6.57
C ALA A 103 14.13 0.79 7.04
N VAL A 104 12.84 0.74 6.73
CA VAL A 104 11.96 1.87 7.02
C VAL A 104 11.36 1.70 8.42
N ASN A 105 10.78 2.79 8.91
CA ASN A 105 10.22 2.77 10.28
C ASN A 105 9.37 4.03 10.42
N PHE A 106 8.06 3.83 10.53
CA PHE A 106 7.06 4.90 10.58
C PHE A 106 5.77 4.33 11.18
N PRO A 107 5.03 5.10 11.96
CA PRO A 107 3.84 4.55 12.63
C PRO A 107 2.80 3.94 11.72
N PHE A 108 2.82 4.23 10.42
CA PHE A 108 1.76 3.67 9.57
C PHE A 108 2.30 2.73 8.51
N LEU A 109 3.54 2.30 8.70
CA LEU A 109 4.15 1.29 7.85
C LEU A 109 4.17 -0.04 8.59
N VAL A 110 3.75 -1.11 7.94
CA VAL A 110 3.79 -2.42 8.61
C VAL A 110 5.23 -2.78 8.96
N LYS A 111 5.44 -3.41 10.11
CA LYS A 111 6.74 -3.85 10.58
C LYS A 111 7.11 -5.25 10.09
N LEU A 112 8.27 -5.32 9.43
CA LEU A 112 8.85 -6.60 9.05
C LEU A 112 9.57 -7.20 10.24
N GLU A 113 9.08 -8.29 10.81
CA GLU A 113 9.77 -8.85 11.97
C GLU A 113 10.89 -9.81 11.59
N PHE A 114 10.71 -10.61 10.53
CA PHE A 114 11.73 -11.56 10.14
C PHE A 114 11.74 -11.70 8.62
N SER A 115 12.86 -12.14 8.08
CA SER A 115 12.91 -12.55 6.67
C SER A 115 13.94 -13.67 6.53
N PHE A 116 13.78 -14.48 5.51
CA PHE A 116 14.62 -15.64 5.27
C PHE A 116 14.15 -16.30 3.98
N LYS A 117 14.89 -17.30 3.53
CA LYS A 117 14.53 -17.95 2.28
C LYS A 117 14.89 -19.42 2.37
N ASP A 118 14.34 -20.25 1.49
CA ASP A 118 14.81 -21.65 1.49
C ASP A 118 15.01 -22.07 0.03
N ASN A 119 15.04 -23.37 -0.24
CA ASN A 119 15.29 -23.78 -1.62
C ASN A 119 14.24 -23.24 -2.58
N SER A 120 12.99 -23.15 -2.11
CA SER A 120 11.88 -22.84 -3.01
C SER A 120 11.33 -21.42 -2.87
N ASN A 121 11.21 -20.90 -1.66
CA ASN A 121 10.55 -19.65 -1.34
C ASN A 121 11.42 -18.62 -0.62
N LEU A 122 10.90 -17.40 -0.72
CA LEU A 122 11.27 -16.19 -0.03
C LEU A 122 10.19 -15.92 1.03
N TYR A 123 10.61 -15.60 2.25
CA TYR A 123 9.62 -15.32 3.29
C TYR A 123 9.82 -13.95 3.92
N MET A 124 8.74 -13.22 4.01
CA MET A 124 8.70 -11.98 4.76
C MET A 124 7.66 -12.11 5.86
N VAL A 125 8.12 -12.13 7.10
CA VAL A 125 7.27 -12.27 8.27
C VAL A 125 7.04 -10.92 8.91
N MET A 126 5.79 -10.48 8.89
CA MET A 126 5.40 -9.17 9.39
C MET A 126 4.50 -9.28 10.62
N GLU A 127 4.41 -8.18 11.35
CA GLU A 127 3.33 -8.02 12.34
C GLU A 127 1.99 -8.35 11.71
N TYR A 128 1.12 -9.09 12.42
CA TYR A 128 -0.20 -9.38 11.88
C TYR A 128 -1.13 -8.21 12.16
N VAL A 129 -1.65 -7.60 11.09
CA VAL A 129 -2.59 -6.50 11.28
C VAL A 129 -3.98 -7.09 11.22
N ALA A 130 -4.62 -7.23 12.37
CA ALA A 130 -5.78 -8.12 12.41
C ALA A 130 -7.08 -7.46 11.96
N GLY A 131 -7.07 -6.18 11.67
CA GLY A 131 -8.24 -5.42 11.25
C GLY A 131 -8.75 -5.75 9.87
N GLY A 132 -7.95 -6.42 9.05
CA GLY A 132 -8.37 -6.70 7.68
C GLY A 132 -8.05 -5.53 6.77
N GLU A 133 -8.32 -5.69 5.48
CA GLU A 133 -8.07 -4.67 4.47
C GLU A 133 -9.06 -3.52 4.57
N MET A 134 -8.57 -2.31 4.30
CA MET A 134 -9.48 -1.19 4.11
C MET A 134 -10.53 -1.55 3.06
N PHE A 135 -10.06 -2.28 2.06
CA PHE A 135 -10.89 -2.72 0.95
C PHE A 135 -12.17 -3.36 1.44
N SER A 136 -12.06 -4.38 2.32
CA SER A 136 -13.29 -5.06 2.71
CA SER A 136 -13.29 -5.06 2.70
C SER A 136 -14.24 -4.12 3.44
N HIS A 137 -13.73 -3.29 4.33
CA HIS A 137 -14.67 -2.46 5.11
C HIS A 137 -15.33 -1.40 4.24
N LEU A 138 -14.57 -0.89 3.28
CA LEU A 138 -15.06 0.09 2.32
C LEU A 138 -16.19 -0.47 1.46
N ARG A 139 -15.96 -1.65 0.89
CA ARG A 139 -17.01 -2.25 0.05
C ARG A 139 -18.21 -2.60 0.91
N ARG A 140 -17.94 -3.07 2.13
CA ARG A 140 -19.00 -3.51 3.01
C ARG A 140 -19.84 -2.32 3.48
N ILE A 141 -19.18 -1.30 4.02
CA ILE A 141 -19.92 -0.14 4.48
C ILE A 141 -20.44 0.65 3.29
N GLY A 142 -19.76 0.52 2.15
CA GLY A 142 -20.29 1.28 1.00
C GLY A 142 -19.40 2.47 0.69
N ARG A 143 -19.29 3.41 1.62
CA ARG A 143 -18.34 4.51 1.52
C ARG A 143 -18.06 5.06 2.92
N PHE A 144 -17.01 5.84 3.05
CA PHE A 144 -16.63 6.47 4.31
C PHE A 144 -17.07 7.92 4.36
N SEP A 145 -17.48 8.39 5.53
CA SEP A 145 -17.76 9.81 5.71
CB SEP A 145 -18.23 10.12 7.13
OG SEP A 145 -17.19 9.94 8.06
C SEP A 145 -16.50 10.64 5.45
O SEP A 145 -15.38 10.13 5.56
P SEP A 145 -17.76 10.21 9.58
O1P SEP A 145 -18.99 11.29 9.57
O2P SEP A 145 -16.66 10.75 10.44
O3P SEP A 145 -18.32 8.83 10.22
N GLU A 146 -16.66 11.91 5.13
CA GLU A 146 -15.43 12.70 4.93
C GLU A 146 -14.56 12.73 6.17
N PRO A 147 -15.06 12.91 7.37
CA PRO A 147 -14.15 12.81 8.53
C PRO A 147 -13.44 11.46 8.57
N HIS A 148 -14.17 10.39 8.25
CA HIS A 148 -13.58 9.05 8.29
C HIS A 148 -12.49 8.93 7.22
N ALA A 149 -12.81 9.37 6.00
CA ALA A 149 -11.81 9.28 4.94
C ALA A 149 -10.63 10.20 5.24
N ARG A 150 -10.89 11.37 5.80
CA ARG A 150 -9.85 12.35 6.11
C ARG A 150 -8.87 11.80 7.16
N PHE A 151 -9.39 11.11 8.17
CA PHE A 151 -8.51 10.47 9.14
C PHE A 151 -7.56 9.53 8.43
N TYR A 152 -8.03 8.74 7.47
CA TYR A 152 -7.15 7.79 6.79
C TYR A 152 -6.16 8.50 5.86
N ALA A 153 -6.69 9.47 5.11
CA ALA A 153 -5.88 10.19 4.13
C ALA A 153 -4.69 10.88 4.79
N ALA A 154 -4.91 11.46 5.97
CA ALA A 154 -3.85 12.14 6.71
C ALA A 154 -2.67 11.21 6.99
N GLN A 155 -3.00 9.97 7.33
CA GLN A 155 -1.99 8.96 7.61
C GLN A 155 -1.21 8.65 6.35
N ILE A 156 -1.93 8.48 5.24
CA ILE A 156 -1.19 8.34 3.99
C ILE A 156 -0.35 9.57 3.66
N VAL A 157 -0.86 10.78 3.81
CA VAL A 157 -0.04 11.96 3.53
C VAL A 157 1.26 11.96 4.33
N LEU A 158 1.19 11.65 5.62
CA LEU A 158 2.42 11.66 6.42
C LEU A 158 3.38 10.56 5.99
N THR A 159 2.80 9.43 5.60
CA THR A 159 3.62 8.28 5.19
C THR A 159 4.37 8.59 3.90
N PHE A 160 3.70 9.27 2.96
CA PHE A 160 4.30 9.61 1.69
C PHE A 160 5.35 10.69 1.91
N GLU A 161 5.08 11.61 2.83
CA GLU A 161 6.13 12.59 3.17
C GLU A 161 7.38 11.85 3.63
N TYR A 162 7.20 10.92 4.56
CA TYR A 162 8.31 10.13 5.06
C TYR A 162 9.02 9.43 3.89
N LEU A 163 8.29 8.57 3.18
CA LEU A 163 8.90 7.75 2.15
C LEU A 163 9.63 8.58 1.10
N HIS A 164 8.98 9.66 0.67
CA HIS A 164 9.48 10.50 -0.42
C HIS A 164 10.80 11.14 0.01
N SER A 165 10.87 11.46 1.29
CA SER A 165 12.06 12.11 1.84
C SER A 165 13.24 11.14 1.85
N LEU A 166 12.97 9.85 1.73
CA LEU A 166 14.02 8.83 1.65
C LEU A 166 14.32 8.48 0.19
N ASP A 167 13.78 9.25 -0.75
CA ASP A 167 13.95 8.96 -2.17
C ASP A 167 13.20 7.70 -2.58
N LEU A 168 12.19 7.35 -1.79
CA LEU A 168 11.40 6.15 -2.07
C LEU A 168 10.08 6.51 -2.73
N ILE A 169 9.74 5.77 -3.79
CA ILE A 169 8.42 5.92 -4.39
C ILE A 169 7.62 4.65 -4.14
N TYR A 170 6.34 4.76 -3.79
CA TYR A 170 5.59 3.59 -3.33
C TYR A 170 4.89 2.86 -4.47
N ARG A 171 4.16 3.60 -5.30
CA ARG A 171 3.57 3.11 -6.53
C ARG A 171 2.52 2.02 -6.40
N ASP A 172 1.96 1.75 -5.21
CA ASP A 172 0.88 0.74 -5.27
C ASP A 172 -0.24 1.11 -4.30
N LEU A 173 -0.50 2.40 -4.12
CA LEU A 173 -1.57 2.79 -3.19
C LEU A 173 -2.93 2.30 -3.69
N LYS A 174 -3.71 1.71 -2.78
CA LYS A 174 -5.06 1.25 -3.06
C LYS A 174 -5.62 0.61 -1.79
N PRO A 175 -6.94 0.55 -1.62
CA PRO A 175 -7.48 0.03 -0.36
C PRO A 175 -7.01 -1.40 -0.09
N GLU A 176 -6.77 -2.19 -1.13
CA GLU A 176 -6.40 -3.59 -0.96
C GLU A 176 -5.03 -3.75 -0.31
N ASN A 177 -4.26 -2.68 -0.19
CA ASN A 177 -2.94 -2.76 0.42
C ASN A 177 -2.89 -2.01 1.75
N LEU A 178 -4.00 -1.43 2.18
CA LEU A 178 -3.95 -0.68 3.44
C LEU A 178 -4.67 -1.47 4.52
N LEU A 179 -3.93 -1.82 5.57
CA LEU A 179 -4.54 -2.70 6.57
C LEU A 179 -4.93 -1.86 7.77
N ILE A 180 -5.96 -2.33 8.46
CA ILE A 180 -6.42 -1.58 9.62
C ILE A 180 -5.99 -2.31 10.88
N ASP A 181 -5.38 -1.59 11.81
CA ASP A 181 -4.89 -2.26 13.03
C ASP A 181 -5.95 -2.20 14.12
N GLN A 182 -5.61 -2.73 15.28
CA GLN A 182 -6.55 -2.86 16.38
C GLN A 182 -6.96 -1.51 16.94
N GLN A 183 -6.18 -0.46 16.69
CA GLN A 183 -6.61 0.85 17.13
C GLN A 183 -7.34 1.58 16.01
N GLY A 184 -7.59 0.89 14.90
CA GLY A 184 -8.23 1.57 13.78
C GLY A 184 -7.27 2.43 12.97
N TYR A 185 -5.97 2.42 13.22
CA TYR A 185 -5.05 3.18 12.36
C TYR A 185 -4.64 2.36 11.16
N ILE A 186 -4.12 3.02 10.13
CA ILE A 186 -3.71 2.26 8.93
C ILE A 186 -2.31 1.69 9.05
N GLN A 187 -2.08 0.53 8.45
CA GLN A 187 -0.74 0.00 8.24
C GLN A 187 -0.58 -0.23 6.74
N VAL A 188 0.32 0.52 6.10
CA VAL A 188 0.59 0.30 4.68
C VAL A 188 1.40 -0.99 4.53
N THR A 189 1.05 -1.85 3.59
CA THR A 189 1.77 -3.09 3.30
C THR A 189 2.01 -3.18 1.80
N ASP A 190 2.68 -4.22 1.35
CA ASP A 190 3.06 -4.51 -0.03
C ASP A 190 3.94 -3.42 -0.64
N PHE A 191 5.25 -3.55 -0.43
CA PHE A 191 6.20 -2.65 -1.08
C PHE A 191 6.69 -3.26 -2.39
N GLY A 192 5.87 -4.15 -2.98
CA GLY A 192 6.29 -4.87 -4.18
C GLY A 192 6.75 -3.93 -5.27
N PHE A 193 6.22 -2.72 -5.31
CA PHE A 193 6.58 -1.79 -6.40
C PHE A 193 7.38 -0.61 -5.90
N ALA A 194 7.72 -0.64 -4.60
CA ALA A 194 8.40 0.52 -4.06
C ALA A 194 9.82 0.55 -4.61
N LYS A 195 10.38 1.73 -4.82
CA LYS A 195 11.71 1.85 -5.39
C LYS A 195 12.45 3.06 -4.83
N ARG A 196 13.75 2.90 -4.60
CA ARG A 196 14.61 3.99 -4.20
C ARG A 196 15.18 4.64 -5.45
N VAL A 197 14.68 5.84 -5.80
CA VAL A 197 15.14 6.44 -7.04
C VAL A 197 15.24 7.96 -6.92
N LYS A 198 16.30 8.50 -7.49
CA LYS A 198 16.42 9.97 -7.52
C LYS A 198 16.03 10.42 -8.92
N GLY A 199 15.06 11.32 -9.09
CA GLY A 199 14.71 11.57 -10.50
C GLY A 199 13.83 10.48 -11.07
N ARG A 200 13.70 10.39 -12.39
CA ARG A 200 12.59 9.67 -13.01
C ARG A 200 12.82 8.19 -13.22
N THR A 201 11.69 7.49 -13.36
CA THR A 201 11.71 6.04 -13.58
C THR A 201 10.64 5.66 -14.58
N TRP A 202 10.59 4.42 -15.07
CA TRP A 202 9.76 4.19 -16.25
C TRP A 202 8.86 2.96 -16.19
N TPO A 203 9.05 2.12 -15.17
CA TPO A 203 8.33 0.84 -15.18
CB TPO A 203 8.69 0.02 -13.94
CG2 TPO A 203 7.92 -1.30 -13.94
OG1 TPO A 203 10.08 -0.29 -14.03
P TPO A 203 10.83 0.33 -12.75
O1P TPO A 203 10.39 1.86 -12.56
O2P TPO A 203 10.48 -0.43 -11.52
O3P TPO A 203 12.41 0.26 -12.98
C TPO A 203 6.83 1.03 -15.25
O TPO A 203 6.23 1.80 -14.50
N LEU A 204 6.21 0.29 -16.17
CA LEU A 204 4.74 0.35 -16.23
C LEU A 204 4.21 -0.61 -15.17
N CYS A 205 3.83 -0.05 -14.02
CA CYS A 205 3.32 -0.90 -12.96
C CYS A 205 2.36 -0.13 -12.06
N GLY A 206 1.47 -0.90 -11.44
CA GLY A 206 0.50 -0.38 -10.49
C GLY A 206 -0.85 -1.05 -10.74
N THR A 207 -1.91 -0.42 -10.23
CA THR A 207 -3.26 -0.92 -10.51
C THR A 207 -3.96 0.08 -11.43
N PRO A 208 -4.62 -0.38 -12.48
CA PRO A 208 -5.15 0.51 -13.51
C PRO A 208 -5.95 1.69 -12.97
N GLU A 209 -6.90 1.48 -12.08
CA GLU A 209 -7.71 2.58 -11.55
C GLU A 209 -6.86 3.64 -10.88
N TYR A 210 -5.69 3.23 -10.40
CA TYR A 210 -4.84 4.15 -9.63
C TYR A 210 -3.66 4.70 -10.41
N LEU A 211 -3.50 4.34 -11.69
CA LEU A 211 -2.36 4.85 -12.44
C LEU A 211 -2.44 6.33 -12.78
N ALA A 212 -1.37 7.07 -12.53
CA ALA A 212 -1.24 8.44 -13.00
C ALA A 212 -1.15 8.47 -14.52
N PRO A 213 -1.70 9.51 -15.12
CA PRO A 213 -1.65 9.61 -16.58
C PRO A 213 -0.21 9.55 -17.10
N GLU A 214 0.75 10.12 -16.37
CA GLU A 214 2.11 10.05 -16.95
C GLU A 214 2.64 8.62 -16.94
N ILE A 215 2.06 7.72 -16.13
CA ILE A 215 2.54 6.35 -16.19
C ILE A 215 1.99 5.69 -17.45
N ILE A 216 0.71 5.95 -17.67
CA ILE A 216 -0.03 5.40 -18.80
C ILE A 216 0.56 5.86 -20.12
N LEU A 217 0.97 7.13 -20.16
CA LEU A 217 1.49 7.61 -21.46
C LEU A 217 2.97 7.30 -21.66
N SER A 218 3.57 6.51 -20.79
CA SER A 218 4.95 6.04 -20.93
C SER A 218 5.97 7.16 -20.99
N LYS A 219 5.83 8.18 -20.16
CA LYS A 219 6.71 9.34 -20.25
C LYS A 219 7.97 9.20 -19.40
N GLY A 220 7.92 8.37 -18.36
CA GLY A 220 8.97 8.54 -17.35
C GLY A 220 8.32 9.38 -16.26
N TYR A 221 8.50 9.04 -15.00
CA TYR A 221 7.75 9.78 -13.97
C TYR A 221 8.49 9.80 -12.65
N ASN A 222 7.94 10.54 -11.70
CA ASN A 222 8.54 10.68 -10.37
C ASN A 222 7.51 10.45 -9.27
N LYS A 223 7.83 10.90 -8.05
CA LYS A 223 6.99 10.53 -6.92
C LYS A 223 5.62 11.18 -6.95
N ALA A 224 5.41 12.13 -7.87
CA ALA A 224 4.09 12.76 -7.99
C ALA A 224 3.06 11.72 -8.40
N VAL A 225 3.46 10.55 -8.93
CA VAL A 225 2.42 9.55 -9.20
C VAL A 225 1.80 9.08 -7.87
N ASP A 226 2.55 9.17 -6.77
CA ASP A 226 1.92 8.75 -5.52
C ASP A 226 0.87 9.77 -5.08
N TRP A 227 1.11 11.06 -5.32
CA TRP A 227 0.12 12.08 -4.95
C TRP A 227 -1.14 11.93 -5.78
N TRP A 228 -1.05 11.64 -7.08
CA TRP A 228 -2.25 11.33 -7.86
C TRP A 228 -3.00 10.17 -7.21
N ALA A 229 -2.25 9.12 -6.88
CA ALA A 229 -2.87 7.89 -6.33
C ALA A 229 -3.66 8.22 -5.07
N LEU A 230 -3.08 9.12 -4.26
CA LEU A 230 -3.79 9.59 -3.07
C LEU A 230 -5.13 10.20 -3.47
N GLY A 231 -5.10 10.97 -4.55
CA GLY A 231 -6.35 11.55 -5.04
C GLY A 231 -7.37 10.48 -5.37
N VAL A 232 -6.96 9.44 -6.10
CA VAL A 232 -7.87 8.36 -6.40
C VAL A 232 -8.33 7.71 -5.11
N LEU A 233 -7.41 7.54 -4.15
CA LEU A 233 -7.77 6.89 -2.89
C LEU A 233 -8.85 7.67 -2.14
N ILE A 234 -8.61 8.98 -1.97
CA ILE A 234 -9.56 9.79 -1.21
C ILE A 234 -10.91 9.79 -1.89
N TYR A 235 -10.91 9.89 -3.22
CA TYR A 235 -12.18 9.81 -3.94
C TYR A 235 -12.84 8.47 -3.62
N GLU A 236 -12.09 7.38 -3.79
CA GLU A 236 -12.76 6.09 -3.68
C GLU A 236 -13.29 5.92 -2.26
N MET A 237 -12.50 6.37 -1.29
CA MET A 237 -12.94 6.25 0.10
C MET A 237 -14.23 7.02 0.38
N ALA A 238 -14.31 8.20 -0.20
CA ALA A 238 -15.43 9.09 0.07
C ALA A 238 -16.63 8.79 -0.81
N ALA A 239 -16.38 8.30 -2.03
CA ALA A 239 -17.45 8.02 -2.97
C ALA A 239 -17.93 6.57 -2.88
N GLY A 240 -17.06 5.62 -2.60
CA GLY A 240 -17.53 4.23 -2.61
C GLY A 240 -17.22 3.59 -3.95
N TYR A 241 -16.81 4.38 -4.91
CA TYR A 241 -16.31 3.84 -6.19
C TYR A 241 -15.16 4.72 -6.67
N PRO A 242 -14.28 4.24 -7.55
CA PRO A 242 -13.18 5.11 -7.97
C PRO A 242 -13.59 6.12 -9.04
N PRO A 243 -12.78 7.16 -9.19
CA PRO A 243 -13.10 8.24 -10.12
C PRO A 243 -13.10 7.79 -11.58
N PHE A 244 -12.34 6.76 -11.90
CA PHE A 244 -12.19 6.30 -13.28
C PHE A 244 -12.38 4.80 -13.31
N PHE A 245 -13.55 4.37 -13.78
CA PHE A 245 -13.71 2.92 -13.81
C PHE A 245 -14.41 2.54 -15.12
N ALA A 246 -14.19 1.29 -15.50
CA ALA A 246 -14.71 0.62 -16.67
C ALA A 246 -14.46 -0.89 -16.58
N ASP A 247 -14.95 -1.64 -17.56
CA ASP A 247 -14.88 -3.10 -17.45
C ASP A 247 -13.49 -3.62 -17.82
N GLN A 248 -12.83 -2.89 -18.69
CA GLN A 248 -11.48 -3.24 -19.15
C GLN A 248 -10.56 -2.03 -19.06
N PRO A 249 -9.31 -2.27 -18.66
CA PRO A 249 -8.35 -1.20 -18.33
C PRO A 249 -8.15 -0.18 -19.43
N ILE A 250 -8.23 -0.60 -20.68
CA ILE A 250 -8.02 0.35 -21.78
C ILE A 250 -9.00 1.50 -21.68
N GLN A 251 -10.24 1.19 -21.32
CA GLN A 251 -11.24 2.26 -21.17
C GLN A 251 -10.95 3.03 -19.89
N ILE A 252 -10.38 2.32 -18.91
CA ILE A 252 -9.99 3.05 -17.70
C ILE A 252 -8.92 4.06 -18.09
N TYR A 253 -7.95 3.55 -18.88
CA TYR A 253 -6.85 4.43 -19.28
C TYR A 253 -7.33 5.64 -20.05
N GLU A 254 -8.31 5.50 -20.96
CA GLU A 254 -8.76 6.69 -21.67
C GLU A 254 -9.35 7.70 -20.69
N LYS A 255 -10.13 7.20 -19.73
CA LYS A 255 -10.79 8.11 -18.80
C LYS A 255 -9.73 8.85 -17.99
N ILE A 256 -8.68 8.12 -17.60
CA ILE A 256 -7.68 8.76 -16.75
C ILE A 256 -6.99 9.88 -17.53
N VAL A 257 -6.70 9.53 -18.78
CA VAL A 257 -5.95 10.45 -19.64
C VAL A 257 -6.79 11.68 -19.95
N SER A 258 -8.10 11.50 -20.05
CA SER A 258 -9.01 12.64 -20.16
C SER A 258 -8.75 13.66 -19.06
N GLY A 259 -8.67 13.12 -17.83
CA GLY A 259 -8.59 13.94 -16.65
C GLY A 259 -9.95 14.52 -16.29
N LYS A 260 -10.96 14.34 -17.15
CA LYS A 260 -12.26 14.82 -16.71
C LYS A 260 -12.67 13.97 -15.52
N VAL A 261 -13.06 14.60 -14.42
CA VAL A 261 -13.50 13.90 -13.22
C VAL A 261 -14.86 14.40 -12.76
N ARG A 262 -15.81 13.52 -12.47
CA ARG A 262 -17.09 13.95 -11.92
C ARG A 262 -17.16 13.49 -10.45
N PHE A 263 -17.84 14.26 -9.63
CA PHE A 263 -17.94 13.99 -8.20
C PHE A 263 -19.36 13.72 -7.73
N PRO A 264 -19.50 12.84 -6.74
CA PRO A 264 -20.82 12.63 -6.14
C PRO A 264 -21.44 13.92 -5.60
N SER A 265 -22.76 13.99 -5.63
CA SER A 265 -23.42 15.19 -5.17
C SER A 265 -23.11 15.49 -3.71
N HIS A 266 -22.76 14.47 -2.92
CA HIS A 266 -22.54 14.73 -1.49
C HIS A 266 -21.14 15.24 -1.19
N PHE A 267 -20.24 15.27 -2.18
CA PHE A 267 -18.89 15.72 -1.84
C PHE A 267 -18.90 17.19 -1.44
N SER A 268 -18.16 17.52 -0.38
CA SER A 268 -18.05 18.93 -0.02
C SER A 268 -17.26 19.72 -1.06
N SER A 269 -17.45 21.03 -1.07
CA SER A 269 -16.67 21.90 -1.94
C SER A 269 -15.18 21.78 -1.64
N ASP A 270 -14.84 21.71 -0.36
CA ASP A 270 -13.44 21.53 0.02
C ASP A 270 -12.88 20.26 -0.59
N LEU A 271 -13.62 19.15 -0.48
CA LEU A 271 -13.12 17.88 -1.00
C LEU A 271 -12.89 17.97 -2.49
N LYS A 272 -13.90 18.52 -3.16
CA LYS A 272 -13.80 18.62 -4.61
C LYS A 272 -12.59 19.44 -5.03
N ASP A 273 -12.32 20.53 -4.29
CA ASP A 273 -11.18 21.36 -4.62
C ASP A 273 -9.88 20.56 -4.48
N LEU A 274 -9.73 19.90 -3.33
CA LEU A 274 -8.53 19.09 -3.12
C LEU A 274 -8.38 18.07 -4.23
N LEU A 275 -9.48 17.40 -4.56
CA LEU A 275 -9.36 16.33 -5.57
C LEU A 275 -9.01 16.88 -6.93
N ARG A 276 -9.47 18.08 -7.24
CA ARG A 276 -9.11 18.67 -8.53
C ARG A 276 -7.61 18.96 -8.59
N ASN A 277 -7.02 19.28 -7.45
CA ASN A 277 -5.60 19.56 -7.37
C ASN A 277 -4.75 18.30 -7.24
N LEU A 278 -5.30 17.16 -6.82
CA LEU A 278 -4.50 15.93 -6.75
C LEU A 278 -4.63 15.18 -8.07
N LEU A 279 -5.85 15.04 -8.58
CA LEU A 279 -6.08 14.39 -9.87
C LEU A 279 -5.89 15.39 -11.00
N GLN A 280 -4.73 16.01 -10.95
CA GLN A 280 -4.36 17.07 -11.90
C GLN A 280 -3.46 16.46 -12.96
N VAL A 281 -3.88 16.40 -14.21
CA VAL A 281 -3.00 15.72 -15.17
C VAL A 281 -1.69 16.48 -15.34
N ASP A 282 -1.66 17.77 -14.99
CA ASP A 282 -0.50 18.63 -15.22
C ASP A 282 0.42 18.72 -14.01
N LEU A 283 1.54 18.00 -14.13
CA LEU A 283 2.52 17.87 -13.06
C LEU A 283 2.95 19.21 -12.52
N THR A 284 2.92 20.25 -13.37
CA THR A 284 3.32 21.56 -12.86
C THR A 284 2.24 22.12 -11.96
N LYS A 285 1.07 21.48 -11.97
CA LYS A 285 -0.03 21.99 -11.16
C LYS A 285 -0.38 21.02 -10.04
N ARG A 286 0.02 19.76 -10.14
CA ARG A 286 -0.44 18.75 -9.20
C ARG A 286 0.06 18.99 -7.77
N PHE A 287 -0.87 19.02 -6.83
CA PHE A 287 -0.50 19.17 -5.42
C PHE A 287 0.41 18.02 -4.99
N GLY A 288 1.36 18.33 -4.13
CA GLY A 288 2.40 17.43 -3.66
C GLY A 288 3.69 17.62 -4.44
N ASN A 289 3.59 18.14 -5.66
CA ASN A 289 4.70 18.31 -6.57
C ASN A 289 5.07 19.77 -6.81
N LEU A 290 4.39 20.70 -6.14
CA LEU A 290 4.75 22.10 -6.38
C LEU A 290 5.87 22.51 -5.44
N LYS A 291 6.16 23.78 -5.37
CA LYS A 291 7.23 24.37 -4.58
C LYS A 291 7.08 24.11 -3.09
N ASN A 292 5.85 24.22 -2.60
CA ASN A 292 5.59 23.99 -1.19
C ASN A 292 5.47 22.51 -0.87
N GLY A 293 5.52 21.69 -1.92
CA GLY A 293 5.52 20.26 -1.74
C GLY A 293 4.31 19.82 -0.92
N VAL A 294 4.55 19.00 0.09
CA VAL A 294 3.42 18.39 0.80
C VAL A 294 2.62 19.43 1.57
N ASN A 295 3.18 20.60 1.86
CA ASN A 295 2.45 21.55 2.72
C ASN A 295 1.23 22.12 2.03
N ASP A 296 1.24 22.09 0.69
CA ASP A 296 0.00 22.52 0.05
C ASP A 296 -1.12 21.57 0.44
N ILE A 297 -0.78 20.28 0.55
CA ILE A 297 -1.80 19.30 0.98
C ILE A 297 -2.13 19.45 2.46
N LYS A 298 -1.12 19.53 3.32
CA LYS A 298 -1.41 19.63 4.75
C LYS A 298 -2.22 20.88 5.05
N ASN A 299 -1.96 21.95 4.28
CA ASN A 299 -2.61 23.22 4.55
C ASN A 299 -3.90 23.42 3.78
N HIS A 300 -4.35 22.45 3.00
CA HIS A 300 -5.60 22.61 2.26
C HIS A 300 -6.78 22.68 3.22
N LYS A 301 -7.85 23.34 2.78
CA LYS A 301 -9.02 23.57 3.60
C LYS A 301 -9.66 22.25 4.03
N TRP A 302 -9.63 21.26 3.14
CA TRP A 302 -10.24 19.99 3.53
C TRP A 302 -9.59 19.41 4.78
N PHE A 303 -8.31 19.67 4.99
CA PHE A 303 -7.58 19.15 6.13
C PHE A 303 -7.55 20.13 7.29
N ALA A 304 -8.36 21.19 7.26
CA ALA A 304 -8.18 22.22 8.30
C ALA A 304 -8.42 21.69 9.70
N THR A 305 -9.27 20.68 9.85
CA THR A 305 -9.53 20.16 11.19
C THR A 305 -8.51 19.10 11.58
N THR A 306 -7.63 18.70 10.67
CA THR A 306 -6.61 17.70 10.95
C THR A 306 -5.47 18.22 11.82
N ASP A 307 -5.28 17.54 12.95
CA ASP A 307 -4.16 17.77 13.86
C ASP A 307 -3.02 16.85 13.43
N TRP A 308 -2.12 17.38 12.61
CA TRP A 308 -1.10 16.53 12.00
C TRP A 308 -0.22 15.87 13.02
N ILE A 309 0.12 16.59 14.08
CA ILE A 309 0.98 15.94 15.08
C ILE A 309 0.26 14.84 15.84
N ALA A 310 -0.98 15.08 16.24
CA ALA A 310 -1.77 14.13 17.02
C ALA A 310 -1.99 12.81 16.27
N ILE A 311 -2.10 12.90 14.95
CA ILE A 311 -2.20 11.77 14.03
C ILE A 311 -0.89 10.96 14.01
N TYR A 312 0.23 11.64 13.76
CA TYR A 312 1.53 10.96 13.82
C TYR A 312 1.68 10.25 15.16
N GLN A 313 1.37 10.95 16.24
CA GLN A 313 1.49 10.37 17.58
C GLN A 313 0.34 9.41 17.91
N ARG A 314 -0.53 9.17 16.94
CA ARG A 314 -1.66 8.25 17.07
C ARG A 314 -2.54 8.61 18.26
N LYS A 315 -2.74 9.91 18.49
CA LYS A 315 -3.55 10.34 19.62
C LYS A 315 -4.99 10.61 19.22
N VAL A 316 -5.28 10.56 17.93
CA VAL A 316 -6.65 10.84 17.47
C VAL A 316 -7.53 9.62 17.57
N GLU A 317 -8.71 9.73 18.18
CA GLU A 317 -9.58 8.54 18.22
C GLU A 317 -9.97 8.16 16.81
N ALA A 318 -9.81 6.89 16.44
CA ALA A 318 -10.23 6.45 15.11
C ALA A 318 -11.75 6.36 15.01
N PRO A 319 -12.25 6.53 13.79
CA PRO A 319 -13.70 6.55 13.60
C PRO A 319 -14.27 5.15 13.59
N PHE A 320 -13.42 4.18 13.30
CA PHE A 320 -13.94 2.80 13.24
C PHE A 320 -12.90 1.88 13.86
N ILE A 321 -13.32 0.98 14.74
CA ILE A 321 -12.43 0.04 15.41
C ILE A 321 -12.88 -1.40 15.17
N PRO A 322 -12.15 -2.11 14.32
CA PRO A 322 -12.49 -3.48 13.95
C PRO A 322 -12.78 -4.36 15.17
N LYS A 323 -13.72 -5.28 15.00
CA LYS A 323 -14.00 -6.29 16.02
C LYS A 323 -12.82 -7.26 16.06
N PHE A 324 -12.33 -7.55 17.26
CA PHE A 324 -11.26 -8.53 17.43
C PHE A 324 -11.51 -9.40 18.66
N LYS A 325 -11.25 -10.69 18.49
CA LYS A 325 -11.35 -11.69 19.54
C LYS A 325 -10.22 -12.70 19.46
N GLY A 326 -9.26 -12.60 20.37
CA GLY A 326 -8.11 -13.51 20.34
C GLY A 326 -7.10 -13.02 19.30
N PRO A 327 -5.82 -13.18 19.59
CA PRO A 327 -4.74 -12.59 18.79
C PRO A 327 -4.61 -13.23 17.41
N GLY A 328 -5.24 -14.38 17.22
CA GLY A 328 -5.23 -15.19 16.04
C GLY A 328 -6.56 -15.23 15.30
N ASP A 329 -7.44 -14.29 15.69
CA ASP A 329 -8.73 -14.19 15.02
C ASP A 329 -8.56 -13.63 13.61
N THR A 330 -9.13 -14.28 12.62
CA THR A 330 -9.05 -13.78 11.25
C THR A 330 -10.41 -13.37 10.69
N SER A 331 -11.36 -13.04 11.57
CA SER A 331 -12.70 -12.82 11.04
C SER A 331 -12.80 -11.58 10.17
N ASN A 332 -11.79 -10.70 10.20
CA ASN A 332 -11.86 -9.52 9.36
C ASN A 332 -11.33 -9.78 7.96
N PHE A 333 -11.04 -11.03 7.64
CA PHE A 333 -10.44 -11.36 6.35
C PHE A 333 -11.31 -12.35 5.58
N ASP A 334 -11.30 -12.29 4.24
CA ASP A 334 -11.93 -13.36 3.48
C ASP A 334 -11.25 -14.70 3.68
N ASP A 335 -12.00 -15.79 3.52
CA ASP A 335 -11.41 -17.11 3.48
C ASP A 335 -10.81 -17.40 2.11
N TYR A 336 -9.76 -18.19 2.09
CA TYR A 336 -9.04 -18.54 0.87
C TYR A 336 -8.82 -20.03 0.76
N GLU A 337 -8.64 -20.51 -0.47
CA GLU A 337 -8.37 -21.94 -0.58
C GLU A 337 -6.94 -22.20 -0.08
N GLU A 338 -6.75 -23.23 0.71
CA GLU A 338 -5.44 -23.59 1.23
C GLU A 338 -4.74 -24.61 0.32
N GLU A 339 -3.42 -24.55 0.32
CA GLU A 339 -2.52 -25.38 -0.44
C GLU A 339 -1.24 -25.63 0.38
N GLU A 340 -0.75 -26.85 0.41
CA GLU A 340 0.43 -27.13 1.24
C GLU A 340 1.67 -26.43 0.66
N ILE A 341 2.51 -25.90 1.56
CA ILE A 341 3.74 -25.19 1.23
C ILE A 341 4.88 -26.18 0.95
N ARG A 342 5.19 -26.41 -0.32
CA ARG A 342 6.20 -27.35 -0.76
C ARG A 342 7.58 -26.73 -0.84
N VAL A 343 8.60 -27.42 -0.32
CA VAL A 343 9.97 -26.91 -0.40
C VAL A 343 10.83 -27.95 -1.10
N SEP A 344 11.39 -27.62 -2.26
CA SEP A 344 12.13 -28.60 -3.05
CB SEP A 344 12.41 -28.05 -4.46
OG SEP A 344 13.36 -28.83 -5.12
C SEP A 344 13.43 -29.03 -2.38
O SEP A 344 13.95 -28.29 -1.54
P SEP A 344 12.62 -29.73 -6.28
O1P SEP A 344 11.41 -29.03 -6.77
O2P SEP A 344 13.67 -29.98 -7.50
O3P SEP A 344 12.27 -31.18 -5.72
N ILE A 345 13.94 -30.20 -2.76
CA ILE A 345 15.23 -30.62 -2.25
C ILE A 345 16.36 -29.93 -3.01
N ASN A 346 16.04 -29.32 -4.14
CA ASN A 346 16.98 -28.56 -4.95
C ASN A 346 16.77 -27.05 -4.78
N GLU A 347 17.87 -26.33 -4.58
CA GLU A 347 17.83 -24.88 -4.45
C GLU A 347 17.35 -24.24 -5.75
N LYS A 348 16.34 -23.38 -5.71
CA LYS A 348 15.95 -22.67 -6.94
C LYS A 348 16.40 -21.21 -6.87
N CYS A 349 16.86 -20.70 -8.01
CA CYS A 349 17.25 -19.31 -8.18
C CYS A 349 18.10 -18.79 -7.04
N GLY A 350 19.11 -19.53 -6.61
CA GLY A 350 20.00 -19.16 -5.53
C GLY A 350 20.75 -17.88 -5.80
N LYS A 351 21.39 -17.78 -6.97
CA LYS A 351 22.18 -16.60 -7.31
C LYS A 351 21.29 -15.36 -7.42
N GLU A 352 20.17 -15.46 -8.12
CA GLU A 352 19.26 -14.33 -8.27
C GLU A 352 18.94 -13.66 -6.96
N PHE A 353 18.75 -14.47 -5.92
CA PHE A 353 18.21 -13.95 -4.67
C PHE A 353 19.23 -13.97 -3.55
N THR A 354 20.49 -13.91 -3.94
CA THR A 354 21.57 -14.00 -2.97
C THR A 354 21.44 -13.00 -1.84
N GLU A 355 21.05 -11.78 -2.17
CA GLU A 355 21.07 -10.70 -1.19
C GLU A 355 19.85 -10.70 -0.29
N PHE A 356 18.86 -11.49 -0.69
CA PHE A 356 17.65 -11.52 0.14
C PHE A 356 18.00 -12.04 1.53
N THR B 1 -27.51 5.30 -11.99
CA THR B 1 -26.57 6.03 -11.14
C THR B 1 -25.15 5.49 -11.32
N THR B 2 -24.15 6.27 -10.96
CA THR B 2 -22.75 5.82 -11.06
C THR B 2 -22.51 4.65 -10.13
N TYR B 3 -23.09 4.74 -8.93
CA TYR B 3 -23.03 3.65 -7.99
C TYR B 3 -23.49 2.35 -8.66
N ALA B 4 -24.71 2.38 -9.20
CA ALA B 4 -25.26 1.12 -9.73
C ALA B 4 -24.42 0.59 -10.88
N ASP B 5 -23.87 1.48 -11.71
CA ASP B 5 -22.99 1.08 -12.80
C ASP B 5 -21.70 0.47 -12.26
N PHE B 6 -21.20 1.02 -11.15
CA PHE B 6 -19.99 0.43 -10.58
C PHE B 6 -20.27 -0.96 -10.05
N ILE B 7 -21.36 -1.04 -9.27
CA ILE B 7 -21.66 -2.29 -8.59
C ILE B 7 -21.98 -3.41 -9.56
N ALA B 8 -22.51 -3.04 -10.73
CA ALA B 8 -22.79 -4.03 -11.76
C ALA B 8 -21.56 -4.35 -12.60
N SER B 9 -20.44 -3.68 -12.36
CA SER B 9 -19.23 -3.85 -13.15
C SER B 9 -18.42 -5.07 -12.74
N GLY B 10 -17.44 -5.41 -13.58
CA GLY B 10 -16.59 -6.56 -13.24
C GLY B 10 -15.43 -6.15 -12.37
N ARG B 11 -15.42 -4.92 -11.84
CA ARG B 11 -14.21 -4.55 -11.09
C ARG B 11 -14.49 -4.08 -9.68
N THR B 12 -15.43 -4.76 -9.01
CA THR B 12 -15.76 -4.41 -7.64
C THR B 12 -15.05 -5.28 -6.61
N GLY B 13 -14.38 -6.34 -7.04
CA GLY B 13 -13.61 -7.19 -6.11
C GLY B 13 -12.17 -6.72 -5.99
N ARG B 14 -11.36 -7.43 -5.24
CA ARG B 14 -9.95 -7.05 -5.11
C ARG B 14 -9.28 -6.91 -6.46
N ARG B 15 -8.56 -5.81 -6.67
CA ARG B 15 -7.99 -5.57 -7.99
C ARG B 15 -6.53 -6.01 -8.07
N ALA B 16 -6.19 -6.65 -9.18
CA ALA B 16 -4.83 -7.14 -9.39
C ALA B 16 -3.97 -6.07 -10.03
N CYS B 17 -2.68 -6.10 -9.71
CA CYS B 17 -1.85 -5.06 -10.31
C CYS B 17 -1.60 -5.31 -11.79
N ILE B 18 -0.71 -4.50 -12.33
CA ILE B 18 -0.03 -4.71 -13.61
C ILE B 18 1.46 -4.44 -13.41
N HIS B 19 2.30 -4.95 -14.31
CA HIS B 19 3.73 -4.69 -14.18
C HIS B 19 4.47 -5.21 -15.42
N ASP B 20 5.79 -5.34 -15.33
CA ASP B 20 6.56 -5.86 -16.47
C ASP B 20 6.60 -7.39 -16.45
CA CA C . 2.78 -7.06 -4.36
CA CA D . -1.07 -6.25 -2.83
PG ATP E . -0.36 -8.84 -4.98
O1G ATP E . -1.47 -8.22 -4.17
O2G ATP E . -0.85 -9.47 -6.27
O3G ATP E . 0.76 -7.90 -5.27
PB ATP E . 1.37 -10.00 -2.82
O1B ATP E . 2.18 -8.76 -2.99
O2B ATP E . 2.04 -11.33 -2.74
O3B ATP E . 0.22 -10.08 -4.03
PA ATP E . 0.28 -8.58 -0.40
O1A ATP E . -0.50 -7.42 -0.90
O2A ATP E . 1.58 -8.25 0.28
O3A ATP E . 0.47 -9.77 -1.49
O5' ATP E . -0.65 -9.37 0.66
C5' ATP E . -1.85 -9.97 0.18
C4' ATP E . -2.94 -9.83 1.27
O4' ATP E . -2.48 -10.56 2.43
C3' ATP E . -3.15 -8.41 1.81
O3' ATP E . -3.97 -7.60 0.95
C2' ATP E . -3.80 -8.77 3.12
O2' ATP E . -5.14 -9.28 2.90
C1' ATP E . -2.92 -9.90 3.62
N9 ATP E . -1.71 -9.38 4.34
C8 ATP E . -0.53 -8.91 3.85
N7 ATP E . 0.29 -8.49 4.85
C5 ATP E . -0.39 -8.68 5.99
C6 ATP E . -0.16 -8.42 7.42
N6 ATP E . 1.01 -7.86 7.83
N1 ATP E . -1.18 -8.70 8.29
C2 ATP E . -2.36 -9.22 7.90
N3 ATP E . -2.65 -9.49 6.61
C4 ATP E . -1.68 -9.32 5.66
#